data_5WPA
#
_entry.id   5WPA
#
_cell.length_a   89.229
_cell.length_b   67.841
_cell.length_c   92.204
_cell.angle_alpha   90.00
_cell.angle_beta   95.06
_cell.angle_gamma   90.00
#
_symmetry.space_group_name_H-M   'C 1 2 1'
#
loop_
_entity.id
_entity.type
_entity.pdbx_description
1 polymer 'Splicing factor, proline- and glutamine-rich'
2 polymer 'Paraspeckle component 1'
3 water water
#
loop_
_entity_poly.entity_id
_entity_poly.type
_entity_poly.pdbx_seq_one_letter_code
_entity_poly.pdbx_strand_id
1 'polypeptide(L)'
;MEGFKANLSLLRRPGEKTYTQRCRLFVGNLPADITEDEFKRLFAKYGEPGEVFINKGKGFGFIKLESRALAEIAKAELDD
TPMRGRQLRVRFATHAAALSVRNLSPYVSNELLEEAFSQFGPIERAVVIVDDRGRSTGKGIVEFASKPAARKAFERCSEG
VFLLTTTPRPVIVEPLEQLDDEDGLPEKLAQKNPMYQKERETPPRFAQHGTFEYEYSQRWKSLDEMEKQQREQVEKNMKD
AKDKLESEMEDAYHEHQANLL
;
A
2 'polypeptide(L)'
;GMGFTIDIKSFLKPGEKTYTQRCRLFVGNLPTDITEEDFKRLFERYGEPSEVFINRDRGFGFIRLESRTLAEIAKAELDG
TILKSRPLRIRFATHGAALTVKNLSPVVSNELLEQAFSQFGPVEKAVVVVDDRGRATGKGFVEFAAKPPARKALERCGDG
AFLLTTTPRPVIVEPMEQFDDEDGLPEKLMQKTQQYHKEREQPPRFAQPGTFEFEYASRWKALDEMEKQQREQVDRNIRE
AKEKLEAEMEAARHEHQLMLM
;
B
#
# COMPACT_ATOMS: atom_id res chain seq x y z
N LYS A 17 -8.08 7.73 -21.39
CA LYS A 17 -7.23 6.84 -20.59
C LYS A 17 -7.95 5.48 -20.34
N THR A 18 -8.15 4.71 -21.44
CA THR A 18 -8.87 3.42 -21.45
C THR A 18 -7.95 2.19 -21.52
N TYR A 19 -8.48 1.03 -21.07
CA TYR A 19 -7.86 -0.31 -21.05
C TYR A 19 -6.52 -0.34 -20.28
N THR A 20 -6.42 0.50 -19.24
CA THR A 20 -5.24 0.63 -18.39
C THR A 20 -5.03 -0.59 -17.47
N GLN A 21 -3.88 -0.65 -16.78
CA GLN A 21 -3.56 -1.70 -15.81
C GLN A 21 -4.52 -1.65 -14.60
N ARG A 22 -5.18 -0.50 -14.39
CA ARG A 22 -6.17 -0.25 -13.35
C ARG A 22 -7.54 -0.87 -13.70
N CYS A 23 -7.71 -1.34 -14.95
CA CYS A 23 -8.89 -2.01 -15.50
C CYS A 23 -8.69 -3.52 -15.68
N ARG A 24 -7.58 -4.07 -15.14
CA ARG A 24 -7.22 -5.47 -15.23
C ARG A 24 -7.74 -6.30 -14.04
N LEU A 25 -8.44 -7.39 -14.35
CA LEU A 25 -9.04 -8.31 -13.38
C LEU A 25 -8.42 -9.69 -13.52
N PHE A 26 -8.19 -10.32 -12.37
CA PHE A 26 -7.74 -11.71 -12.24
C PHE A 26 -9.01 -12.53 -12.04
N VAL A 27 -9.09 -13.72 -12.68
CA VAL A 27 -10.19 -14.67 -12.56
C VAL A 27 -9.59 -16.05 -12.20
N GLY A 28 -9.75 -16.45 -10.93
CA GLY A 28 -9.29 -17.72 -10.39
C GLY A 28 -10.38 -18.77 -10.25
N ASN A 29 -9.97 -20.02 -9.99
CA ASN A 29 -10.81 -21.23 -9.84
C ASN A 29 -11.66 -21.54 -11.08
N LEU A 30 -11.13 -21.19 -12.27
CA LEU A 30 -11.75 -21.47 -13.56
C LEU A 30 -11.80 -23.01 -13.84
N PRO A 31 -12.73 -23.50 -14.70
CA PRO A 31 -12.72 -24.94 -15.02
C PRO A 31 -11.61 -25.24 -16.05
N ALA A 32 -11.18 -26.51 -16.19
CA ALA A 32 -10.10 -26.87 -17.12
C ALA A 32 -10.49 -26.82 -18.61
N ASP A 33 -11.79 -27.00 -18.89
CA ASP A 33 -12.41 -27.02 -20.21
C ASP A 33 -12.65 -25.62 -20.78
N ILE A 34 -12.20 -24.57 -20.04
CA ILE A 34 -12.36 -23.15 -20.39
C ILE A 34 -11.74 -22.80 -21.76
N THR A 35 -12.48 -22.01 -22.55
CA THR A 35 -12.06 -21.49 -23.85
C THR A 35 -11.97 -19.97 -23.73
N GLU A 36 -11.34 -19.29 -24.73
CA GLU A 36 -11.22 -17.82 -24.74
C GLU A 36 -12.60 -17.20 -24.99
N ASP A 37 -13.49 -17.93 -25.67
CA ASP A 37 -14.85 -17.50 -25.99
C ASP A 37 -15.74 -17.53 -24.74
N GLU A 38 -15.61 -18.58 -23.91
CA GLU A 38 -16.36 -18.78 -22.66
C GLU A 38 -15.93 -17.74 -21.60
N PHE A 39 -14.63 -17.38 -21.62
CA PHE A 39 -14.05 -16.41 -20.71
C PHE A 39 -14.58 -15.01 -21.08
N LYS A 40 -14.52 -14.65 -22.38
CA LYS A 40 -15.02 -13.39 -22.93
C LYS A 40 -16.51 -13.23 -22.66
N ARG A 41 -17.29 -14.33 -22.82
CA ARG A 41 -18.73 -14.34 -22.59
C ARG A 41 -19.13 -14.01 -21.16
N LEU A 42 -18.26 -14.36 -20.17
CA LEU A 42 -18.44 -14.02 -18.75
C LEU A 42 -18.49 -12.50 -18.53
N PHE A 43 -17.74 -11.74 -19.37
CA PHE A 43 -17.62 -10.27 -19.26
C PHE A 43 -18.34 -9.50 -20.38
N ALA A 44 -19.22 -10.17 -21.14
CA ALA A 44 -19.96 -9.62 -22.29
C ALA A 44 -20.86 -8.40 -22.01
N LYS A 45 -21.57 -8.37 -20.87
CA LYS A 45 -22.41 -7.21 -20.55
C LYS A 45 -21.61 -5.92 -20.19
N TYR A 46 -20.30 -6.06 -19.88
CA TYR A 46 -19.41 -4.97 -19.44
C TYR A 46 -18.51 -4.37 -20.53
N GLY A 47 -19.11 -4.09 -21.69
CA GLY A 47 -18.42 -3.49 -22.82
C GLY A 47 -17.47 -4.40 -23.57
N GLU A 48 -16.75 -3.81 -24.56
CA GLU A 48 -15.81 -4.55 -25.40
C GLU A 48 -14.58 -5.05 -24.64
N PRO A 49 -14.24 -6.36 -24.79
CA PRO A 49 -13.11 -6.92 -24.05
C PRO A 49 -11.75 -6.51 -24.60
N GLY A 50 -10.79 -6.32 -23.69
CA GLY A 50 -9.42 -5.97 -24.02
C GLY A 50 -8.57 -7.22 -24.01
N GLU A 51 -7.27 -7.07 -23.81
CA GLU A 51 -6.29 -8.14 -23.76
C GLU A 51 -6.71 -9.24 -22.77
N VAL A 52 -6.91 -10.44 -23.28
CA VAL A 52 -7.31 -11.61 -22.52
C VAL A 52 -6.08 -12.54 -22.41
N PHE A 53 -5.91 -13.21 -21.26
CA PHE A 53 -4.84 -14.18 -20.99
C PHE A 53 -5.41 -15.28 -20.13
N ILE A 54 -5.12 -16.56 -20.48
CA ILE A 54 -5.59 -17.71 -19.73
C ILE A 54 -4.46 -18.73 -19.50
N ASN A 55 -4.29 -19.14 -18.24
CA ASN A 55 -3.39 -20.21 -17.80
C ASN A 55 -4.36 -21.36 -17.51
N LYS A 56 -4.63 -22.20 -18.53
CA LYS A 56 -5.59 -23.32 -18.45
C LYS A 56 -5.15 -24.42 -17.48
N GLY A 57 -3.83 -24.62 -17.37
CA GLY A 57 -3.24 -25.59 -16.45
C GLY A 57 -3.52 -25.23 -15.01
N LYS A 58 -3.04 -24.04 -14.57
CA LYS A 58 -3.23 -23.53 -13.21
C LYS A 58 -4.65 -23.00 -12.92
N GLY A 59 -5.48 -22.89 -13.97
CA GLY A 59 -6.88 -22.47 -13.89
C GLY A 59 -7.15 -21.02 -13.51
N PHE A 60 -6.45 -20.07 -14.16
CA PHE A 60 -6.67 -18.66 -13.89
C PHE A 60 -6.50 -17.80 -15.14
N GLY A 61 -7.18 -16.67 -15.17
CA GLY A 61 -7.14 -15.75 -16.29
C GLY A 61 -7.07 -14.28 -15.91
N PHE A 62 -6.86 -13.43 -16.91
CA PHE A 62 -6.83 -11.98 -16.77
C PHE A 62 -7.57 -11.36 -17.94
N ILE A 63 -8.25 -10.22 -17.66
CA ILE A 63 -9.00 -9.43 -18.64
C ILE A 63 -8.97 -7.95 -18.29
N LYS A 64 -8.79 -7.10 -19.34
CA LYS A 64 -8.84 -5.66 -19.22
C LYS A 64 -10.18 -5.17 -19.78
N LEU A 65 -10.88 -4.35 -19.00
CA LEU A 65 -12.14 -3.75 -19.41
C LEU A 65 -11.82 -2.31 -19.79
N GLU A 66 -12.78 -1.60 -20.37
CA GLU A 66 -12.57 -0.23 -20.88
C GLU A 66 -12.25 0.77 -19.78
N SER A 67 -13.00 0.71 -18.68
CA SER A 67 -12.87 1.67 -17.58
C SER A 67 -12.84 0.95 -16.26
N ARG A 68 -12.31 1.65 -15.23
CA ARG A 68 -12.22 1.26 -13.82
C ARG A 68 -13.59 1.02 -13.25
N ALA A 69 -14.62 1.80 -13.68
CA ALA A 69 -15.99 1.67 -13.23
C ALA A 69 -16.59 0.33 -13.68
N LEU A 70 -16.38 -0.04 -14.96
CA LEU A 70 -16.81 -1.31 -15.55
C LEU A 70 -16.10 -2.46 -14.86
N ALA A 71 -14.79 -2.31 -14.57
CA ALA A 71 -14.01 -3.32 -13.82
C ALA A 71 -14.58 -3.49 -12.40
N GLU A 72 -15.00 -2.35 -11.75
CA GLU A 72 -15.64 -2.32 -10.43
C GLU A 72 -16.96 -3.10 -10.43
N ILE A 73 -17.85 -2.84 -11.41
CA ILE A 73 -19.13 -3.52 -11.56
C ILE A 73 -18.93 -5.02 -11.84
N ALA A 74 -18.11 -5.35 -12.85
CA ALA A 74 -17.78 -6.72 -13.27
C ALA A 74 -17.26 -7.52 -12.13
N LYS A 75 -16.33 -6.96 -11.37
CA LYS A 75 -15.72 -7.61 -10.18
C LYS A 75 -16.77 -7.92 -9.11
N ALA A 76 -17.63 -6.93 -8.78
CA ALA A 76 -18.66 -7.06 -7.75
C ALA A 76 -19.71 -8.07 -8.17
N GLU A 77 -20.07 -8.08 -9.46
CA GLU A 77 -21.12 -8.95 -9.94
C GLU A 77 -20.68 -10.34 -10.26
N LEU A 78 -19.37 -10.60 -10.43
CA LEU A 78 -18.86 -11.92 -10.80
C LEU A 78 -18.05 -12.60 -9.74
N ASP A 79 -17.51 -11.89 -8.77
CA ASP A 79 -16.75 -12.62 -7.74
C ASP A 79 -17.69 -13.53 -6.92
N ASP A 80 -17.20 -14.70 -6.56
CA ASP A 80 -17.94 -15.71 -5.81
C ASP A 80 -19.20 -16.17 -6.52
N THR A 81 -19.14 -16.30 -7.83
CA THR A 81 -20.25 -16.76 -8.65
C THR A 81 -19.85 -18.10 -9.27
N PRO A 82 -20.79 -19.03 -9.46
CA PRO A 82 -20.42 -20.33 -10.02
C PRO A 82 -20.32 -20.34 -11.54
N MET A 83 -19.53 -21.28 -12.07
CA MET A 83 -19.28 -21.51 -13.49
C MET A 83 -18.85 -22.97 -13.63
N ARG A 84 -19.68 -23.79 -14.32
CA ARG A 84 -19.48 -25.24 -14.52
C ARG A 84 -19.20 -25.96 -13.19
N GLY A 85 -19.99 -25.61 -12.17
CA GLY A 85 -19.88 -26.14 -10.82
C GLY A 85 -18.74 -25.59 -9.98
N ARG A 86 -17.99 -24.59 -10.51
CA ARG A 86 -16.87 -23.97 -9.80
C ARG A 86 -17.11 -22.51 -9.37
N GLN A 87 -16.82 -22.18 -8.09
CA GLN A 87 -16.94 -20.83 -7.52
C GLN A 87 -15.75 -19.92 -7.96
N LEU A 88 -16.04 -18.96 -8.85
CA LEU A 88 -15.05 -17.99 -9.35
C LEU A 88 -14.50 -17.05 -8.32
N ARG A 89 -13.22 -16.76 -8.42
CA ARG A 89 -12.55 -15.79 -7.58
C ARG A 89 -12.17 -14.64 -8.53
N VAL A 90 -12.82 -13.48 -8.40
CA VAL A 90 -12.58 -12.35 -9.29
C VAL A 90 -12.00 -11.18 -8.47
N ARG A 91 -10.79 -10.72 -8.83
CA ARG A 91 -10.10 -9.64 -8.10
C ARG A 91 -9.39 -8.70 -9.06
N PHE A 92 -9.05 -7.46 -8.62
CA PHE A 92 -8.22 -6.55 -9.43
C PHE A 92 -6.77 -7.08 -9.48
N ALA A 93 -6.09 -6.94 -10.63
CA ALA A 93 -4.67 -7.30 -10.79
C ALA A 93 -3.97 -6.09 -11.46
N THR A 94 -3.90 -4.96 -10.74
CA THR A 94 -3.43 -3.67 -11.27
C THR A 94 -1.92 -3.29 -11.03
N HIS A 95 -1.02 -4.25 -10.69
CA HIS A 95 0.39 -3.87 -10.43
C HIS A 95 1.46 -4.67 -11.20
N ALA A 96 1.05 -5.41 -12.25
CA ALA A 96 1.96 -6.23 -13.05
C ALA A 96 3.14 -5.50 -13.69
N ALA A 97 2.89 -4.30 -14.27
CA ALA A 97 3.90 -3.49 -14.95
C ALA A 97 4.30 -2.19 -14.18
N ALA A 98 4.08 -2.17 -12.85
CA ALA A 98 4.44 -1.06 -11.97
C ALA A 98 5.84 -1.26 -11.36
N LEU A 99 6.58 -0.15 -11.16
CA LEU A 99 7.94 -0.19 -10.58
C LEU A 99 8.05 0.81 -9.47
N SER A 100 8.75 0.41 -8.36
CA SER A 100 9.02 1.34 -7.27
C SER A 100 10.33 2.06 -7.61
N VAL A 101 10.39 3.39 -7.40
CA VAL A 101 11.60 4.17 -7.68
C VAL A 101 11.97 4.88 -6.39
N ARG A 102 13.22 4.72 -5.92
CA ARG A 102 13.73 5.31 -4.66
C ARG A 102 14.91 6.27 -4.97
N ASN A 103 15.35 7.05 -3.97
CA ASN A 103 16.48 7.98 -4.04
C ASN A 103 16.22 9.13 -5.02
N LEU A 104 14.97 9.64 -5.01
CA LEU A 104 14.55 10.77 -5.84
C LEU A 104 14.85 12.04 -5.08
N SER A 105 15.36 13.05 -5.77
CA SER A 105 15.60 14.37 -5.17
C SER A 105 14.21 15.01 -4.96
N PRO A 106 14.02 15.91 -3.97
CA PRO A 106 12.71 16.58 -3.82
C PRO A 106 12.29 17.44 -5.02
N TYR A 107 13.23 17.71 -5.96
CA TYR A 107 12.98 18.48 -7.19
C TYR A 107 12.52 17.62 -8.34
N VAL A 108 12.43 16.30 -8.11
CA VAL A 108 11.83 15.35 -9.05
C VAL A 108 10.31 15.52 -8.92
N SER A 109 9.65 15.99 -9.99
CA SER A 109 8.18 16.14 -10.02
C SER A 109 7.58 14.88 -10.65
N ASN A 110 6.23 14.76 -10.68
CA ASN A 110 5.52 13.63 -11.31
C ASN A 110 5.86 13.61 -12.81
N GLU A 111 5.88 14.80 -13.46
CA GLU A 111 6.17 15.00 -14.88
C GLU A 111 7.60 14.65 -15.21
N LEU A 112 8.56 15.02 -14.37
CA LEU A 112 9.95 14.64 -14.61
C LEU A 112 10.12 13.14 -14.51
N LEU A 113 9.49 12.52 -13.52
CA LEU A 113 9.52 11.07 -13.31
C LEU A 113 9.00 10.38 -14.57
N GLU A 114 7.87 10.88 -15.10
CA GLU A 114 7.24 10.40 -16.32
C GLU A 114 8.19 10.53 -17.52
N GLU A 115 8.77 11.72 -17.74
CA GLU A 115 9.71 12.01 -18.83
C GLU A 115 10.97 11.11 -18.75
N ALA A 116 11.52 10.90 -17.55
CA ALA A 116 12.72 10.08 -17.38
C ALA A 116 12.50 8.63 -17.80
N PHE A 117 11.39 8.00 -17.38
CA PHE A 117 11.16 6.57 -17.61
C PHE A 117 10.43 6.27 -18.92
N SER A 118 9.86 7.32 -19.58
CA SER A 118 9.16 7.21 -20.86
C SER A 118 9.99 6.53 -21.95
N GLN A 119 11.34 6.66 -21.84
CA GLN A 119 12.36 6.10 -22.75
C GLN A 119 12.39 4.58 -22.77
N PHE A 120 11.86 3.94 -21.74
CA PHE A 120 11.83 2.49 -21.63
C PHE A 120 10.56 1.86 -22.21
N GLY A 121 9.51 2.66 -22.37
CA GLY A 121 8.22 2.22 -22.87
C GLY A 121 7.10 3.22 -22.59
N PRO A 122 5.89 3.00 -23.15
CA PRO A 122 4.78 3.95 -22.88
C PRO A 122 4.32 3.91 -21.42
N ILE A 123 4.02 5.09 -20.83
CA ILE A 123 3.68 5.18 -19.42
C ILE A 123 2.21 5.52 -19.23
N GLU A 124 1.59 4.82 -18.27
CA GLU A 124 0.19 5.03 -17.87
C GLU A 124 0.15 6.03 -16.71
N ARG A 125 1.09 5.87 -15.74
CA ARG A 125 1.22 6.74 -14.57
C ARG A 125 2.62 6.71 -13.99
N ALA A 126 3.03 7.87 -13.49
CA ALA A 126 4.27 8.10 -12.76
C ALA A 126 3.88 9.15 -11.75
N VAL A 127 4.15 8.85 -10.48
CA VAL A 127 3.76 9.72 -9.37
C VAL A 127 4.83 9.64 -8.29
N VAL A 128 5.12 10.78 -7.68
CA VAL A 128 6.04 10.87 -6.56
C VAL A 128 5.18 10.70 -5.29
N ILE A 129 5.57 9.77 -4.41
CA ILE A 129 4.84 9.57 -3.14
C ILE A 129 5.18 10.70 -2.18
N VAL A 130 4.17 11.41 -1.70
CA VAL A 130 4.36 12.49 -0.75
C VAL A 130 3.78 12.06 0.63
N ASP A 131 4.18 12.72 1.70
CA ASP A 131 3.68 12.41 3.03
C ASP A 131 2.39 13.15 3.37
N ASP A 132 2.01 13.11 4.65
CA ASP A 132 0.78 13.76 5.13
C ASP A 132 0.79 15.28 5.01
N ARG A 133 2.00 15.86 4.87
CA ARG A 133 2.24 17.30 4.74
C ARG A 133 2.52 17.72 3.29
N GLY A 134 2.49 16.76 2.36
CA GLY A 134 2.72 16.96 0.93
C GLY A 134 4.18 16.98 0.49
N ARG A 135 5.12 16.62 1.39
CA ARG A 135 6.53 16.63 1.00
C ARG A 135 6.97 15.32 0.44
N SER A 136 7.80 15.39 -0.61
CA SER A 136 8.44 14.25 -1.26
C SER A 136 9.02 13.24 -0.23
N THR A 137 8.75 11.95 -0.41
CA THR A 137 9.31 10.92 0.46
C THR A 137 10.61 10.37 -0.15
N GLY A 138 10.97 10.85 -1.34
CA GLY A 138 12.12 10.38 -2.08
C GLY A 138 11.81 9.12 -2.87
N LYS A 139 10.54 8.70 -2.86
CA LYS A 139 10.04 7.49 -3.55
C LYS A 139 8.90 7.80 -4.53
N GLY A 140 8.89 7.06 -5.63
CA GLY A 140 7.91 7.22 -6.69
C GLY A 140 7.41 5.90 -7.23
N ILE A 141 6.35 5.94 -8.01
CA ILE A 141 5.81 4.74 -8.66
C ILE A 141 5.71 5.04 -10.14
N VAL A 142 6.27 4.15 -10.97
CA VAL A 142 6.21 4.24 -12.42
C VAL A 142 5.46 2.99 -12.96
N GLU A 143 4.26 3.18 -13.51
CA GLU A 143 3.53 2.06 -14.09
C GLU A 143 3.47 2.17 -15.63
N PHE A 144 4.04 1.17 -16.28
CA PHE A 144 4.14 1.03 -17.72
C PHE A 144 2.89 0.34 -18.31
N ALA A 145 2.67 0.49 -19.63
CA ALA A 145 1.54 -0.14 -20.32
C ALA A 145 1.75 -1.64 -20.48
N SER A 146 3.02 -2.09 -20.52
CA SER A 146 3.36 -3.51 -20.66
C SER A 146 4.45 -3.96 -19.69
N LYS A 147 4.45 -5.26 -19.37
CA LYS A 147 5.43 -5.97 -18.51
C LYS A 147 6.86 -5.90 -19.08
N PRO A 148 7.14 -6.14 -20.39
CA PRO A 148 8.53 -6.05 -20.87
C PRO A 148 9.14 -4.65 -20.80
N ALA A 149 8.29 -3.60 -20.86
CA ALA A 149 8.72 -2.19 -20.77
C ALA A 149 9.21 -1.94 -19.35
N ALA A 150 8.47 -2.47 -18.35
CA ALA A 150 8.80 -2.40 -16.93
C ALA A 150 10.08 -3.19 -16.67
N ARG A 151 10.21 -4.35 -17.34
CA ARG A 151 11.36 -5.26 -17.27
C ARG A 151 12.60 -4.58 -17.81
N LYS A 152 12.49 -3.95 -19.00
CA LYS A 152 13.59 -3.20 -19.63
C LYS A 152 14.07 -2.08 -18.69
N ALA A 153 13.14 -1.26 -18.15
CA ALA A 153 13.46 -0.17 -17.21
C ALA A 153 14.21 -0.69 -15.99
N PHE A 154 13.75 -1.82 -15.43
CA PHE A 154 14.36 -2.46 -14.28
C PHE A 154 15.79 -2.94 -14.54
N GLU A 155 16.06 -3.58 -15.68
CA GLU A 155 17.41 -4.08 -16.00
C GLU A 155 18.37 -2.94 -16.34
N ARG A 156 17.93 -2.00 -17.21
CA ARG A 156 18.75 -0.86 -17.58
C ARG A 156 19.21 -0.07 -16.35
N CYS A 157 18.32 0.16 -15.35
CA CYS A 157 18.65 0.94 -14.13
C CYS A 157 19.43 0.15 -13.08
N SER A 158 19.54 -1.18 -13.23
CA SER A 158 20.28 -2.02 -12.26
C SER A 158 21.72 -2.23 -12.76
N GLU A 159 21.85 -2.50 -14.06
CA GLU A 159 23.14 -2.67 -14.73
C GLU A 159 23.84 -1.30 -14.84
N GLY A 160 23.11 -0.31 -15.37
CA GLY A 160 23.59 1.05 -15.52
C GLY A 160 23.37 1.90 -14.29
N VAL A 161 23.64 3.19 -14.41
CA VAL A 161 23.48 4.14 -13.31
C VAL A 161 22.63 5.34 -13.80
N PHE A 162 21.31 5.25 -13.52
CA PHE A 162 20.33 6.25 -13.97
C PHE A 162 20.18 7.44 -13.02
N LEU A 163 20.49 8.63 -13.53
CA LEU A 163 20.41 9.89 -12.79
C LEU A 163 19.20 10.72 -13.28
N LEU A 164 18.38 11.25 -12.37
CA LEU A 164 17.22 12.07 -12.77
C LEU A 164 17.48 13.57 -12.75
N THR A 165 18.34 14.03 -11.84
CA THR A 165 18.65 15.43 -11.63
C THR A 165 20.15 15.70 -11.65
N THR A 166 20.57 16.93 -11.39
CA THR A 166 21.97 17.31 -11.43
C THR A 166 22.84 16.49 -10.46
N THR A 167 22.41 16.35 -9.17
CA THR A 167 23.11 15.58 -8.14
C THR A 167 23.19 14.17 -8.63
N PRO A 168 24.40 13.61 -8.73
CA PRO A 168 24.53 12.25 -9.29
C PRO A 168 24.17 11.12 -8.30
N ARG A 169 22.95 11.19 -7.76
CA ARG A 169 22.39 10.19 -6.88
C ARG A 169 21.58 9.21 -7.77
N PRO A 170 22.00 7.94 -7.91
CA PRO A 170 21.29 7.04 -8.82
C PRO A 170 19.95 6.55 -8.27
N VAL A 171 18.95 6.46 -9.16
CA VAL A 171 17.65 5.93 -8.77
C VAL A 171 17.71 4.44 -8.59
N ILE A 172 17.08 3.94 -7.50
CA ILE A 172 16.95 2.52 -7.18
C ILE A 172 15.59 2.11 -7.72
N VAL A 173 15.59 1.16 -8.65
CA VAL A 173 14.39 0.65 -9.30
C VAL A 173 14.18 -0.83 -8.92
N GLU A 174 12.98 -1.14 -8.38
CA GLU A 174 12.55 -2.48 -7.98
C GLU A 174 11.12 -2.73 -8.49
N PRO A 175 10.70 -3.99 -8.79
CA PRO A 175 9.30 -4.22 -9.20
C PRO A 175 8.38 -3.92 -8.02
N LEU A 176 7.24 -3.23 -8.25
CA LEU A 176 6.33 -2.82 -7.18
C LEU A 176 5.88 -3.98 -6.29
N GLU A 177 6.43 -4.00 -5.08
CA GLU A 177 6.12 -5.02 -4.07
C GLU A 177 4.68 -4.80 -3.61
N GLN A 178 3.76 -5.62 -4.14
CA GLN A 178 2.35 -5.50 -3.78
C GLN A 178 1.83 -6.70 -3.00
N LEU A 179 1.42 -6.43 -1.77
CA LEU A 179 0.89 -7.41 -0.83
C LEU A 179 -0.64 -7.42 -0.88
N ASP A 180 -1.23 -8.60 -0.63
CA ASP A 180 -2.67 -8.83 -0.62
C ASP A 180 -3.27 -8.25 0.67
N ASP A 181 -4.16 -7.26 0.53
CA ASP A 181 -4.83 -6.60 1.66
C ASP A 181 -6.38 -6.62 1.47
N GLU A 182 -6.85 -7.36 0.44
CA GLU A 182 -8.24 -7.50 0.05
C GLU A 182 -8.83 -8.84 0.50
N ASP A 183 -8.09 -9.94 0.31
CA ASP A 183 -8.52 -11.30 0.68
C ASP A 183 -8.13 -11.64 2.11
N GLY A 184 -6.85 -11.41 2.45
CA GLY A 184 -6.28 -11.67 3.77
C GLY A 184 -6.14 -13.14 4.10
N LEU A 185 -6.04 -13.44 5.41
CA LEU A 185 -5.89 -14.80 5.91
C LEU A 185 -7.14 -15.25 6.70
N PRO A 186 -8.13 -15.89 6.04
CA PRO A 186 -9.33 -16.33 6.76
C PRO A 186 -9.27 -17.82 7.18
N GLU A 187 -10.20 -18.25 8.06
CA GLU A 187 -10.41 -19.62 8.55
C GLU A 187 -9.11 -20.37 8.91
N GLU A 201 -5.28 -21.63 20.68
CA GLU A 201 -5.95 -22.41 21.74
C GLU A 201 -6.36 -21.54 22.93
N THR A 202 -5.56 -20.51 23.25
CA THR A 202 -5.84 -19.56 24.35
C THR A 202 -6.45 -18.28 23.71
N PRO A 203 -7.58 -17.74 24.26
CA PRO A 203 -8.20 -16.53 23.64
C PRO A 203 -7.38 -15.23 23.77
N PRO A 204 -7.59 -14.20 22.89
CA PRO A 204 -6.85 -12.94 23.03
C PRO A 204 -6.98 -12.35 24.43
N ARG A 205 -5.88 -11.77 24.95
CA ARG A 205 -5.81 -11.23 26.31
C ARG A 205 -4.52 -10.45 26.52
N PHE A 206 -4.46 -9.68 27.62
CA PHE A 206 -3.28 -8.99 28.09
C PHE A 206 -2.59 -9.91 29.12
N ALA A 207 -1.25 -10.03 29.02
CA ALA A 207 -0.44 -10.85 29.93
C ALA A 207 -0.59 -10.35 31.37
N GLN A 208 -0.95 -11.26 32.28
CA GLN A 208 -1.18 -10.91 33.67
C GLN A 208 0.10 -10.91 34.51
N HIS A 209 0.31 -9.81 35.21
CA HIS A 209 1.44 -9.61 36.10
C HIS A 209 1.71 -10.71 37.07
N GLY A 210 2.87 -11.34 36.94
CA GLY A 210 3.27 -12.41 37.84
C GLY A 210 3.19 -13.83 37.30
N THR A 211 2.37 -14.05 36.24
CA THR A 211 2.21 -15.37 35.59
C THR A 211 3.47 -15.74 34.79
N PHE A 212 3.52 -16.98 34.25
CA PHE A 212 4.66 -17.43 33.44
C PHE A 212 4.72 -16.63 32.14
N GLU A 213 3.57 -16.51 31.43
CA GLU A 213 3.42 -15.76 30.18
C GLU A 213 3.79 -14.27 30.31
N TYR A 214 3.82 -13.73 31.55
CA TYR A 214 4.20 -12.32 31.78
C TYR A 214 5.68 -12.09 31.58
N GLU A 215 6.53 -12.94 32.20
CA GLU A 215 7.99 -12.87 32.09
C GLU A 215 8.38 -13.00 30.63
N TYR A 216 7.87 -14.01 29.95
CA TYR A 216 8.12 -14.32 28.56
C TYR A 216 7.72 -13.17 27.61
N SER A 217 6.51 -12.64 27.76
CA SER A 217 6.05 -11.52 26.94
C SER A 217 6.89 -10.26 27.17
N GLN A 218 7.41 -10.06 28.40
CA GLN A 218 8.27 -8.93 28.76
C GLN A 218 9.64 -9.07 28.12
N ARG A 219 10.11 -10.32 27.94
CA ARG A 219 11.38 -10.66 27.30
C ARG A 219 11.30 -10.32 25.81
N TRP A 220 10.10 -10.49 25.23
CA TRP A 220 9.79 -10.17 23.83
C TRP A 220 9.73 -8.66 23.62
N LYS A 221 9.20 -7.89 24.61
CA LYS A 221 9.10 -6.43 24.61
C LYS A 221 10.49 -5.77 24.50
N SER A 222 11.46 -6.31 25.26
CA SER A 222 12.86 -5.83 25.28
C SER A 222 13.71 -6.36 24.10
N LEU A 223 13.21 -7.38 23.39
CA LEU A 223 13.84 -7.95 22.21
C LEU A 223 13.47 -7.08 21.02
N ASP A 224 12.22 -6.67 20.98
CA ASP A 224 11.63 -5.79 19.96
C ASP A 224 12.25 -4.40 20.01
N GLU A 225 12.65 -3.97 21.19
CA GLU A 225 13.34 -2.71 21.46
C GLU A 225 14.78 -2.75 20.94
N MET A 226 15.46 -3.90 21.13
CA MET A 226 16.84 -4.13 20.66
C MET A 226 16.88 -4.09 19.11
N GLU A 227 15.90 -4.77 18.46
CA GLU A 227 15.71 -4.79 17.01
C GLU A 227 15.51 -3.39 16.48
N LYS A 228 14.61 -2.60 17.11
CA LYS A 228 14.34 -1.20 16.77
C LYS A 228 15.65 -0.40 16.87
N GLN A 229 16.41 -0.57 18.00
CA GLN A 229 17.68 0.11 18.24
C GLN A 229 18.79 -0.24 17.23
N GLN A 230 18.92 -1.53 16.87
CA GLN A 230 19.92 -2.01 15.91
C GLN A 230 19.63 -1.49 14.50
N ARG A 231 18.32 -1.44 14.14
CA ARG A 231 17.84 -0.97 12.83
C ARG A 231 17.95 0.55 12.68
N GLU A 232 17.65 1.33 13.74
CA GLU A 232 17.76 2.80 13.74
C GLU A 232 19.24 3.23 13.64
N GLN A 233 20.16 2.38 14.16
CA GLN A 233 21.61 2.60 14.14
C GLN A 233 22.13 2.40 12.71
N VAL A 234 21.79 1.26 12.05
CA VAL A 234 22.18 0.95 10.67
C VAL A 234 21.74 2.08 9.72
N GLU A 235 20.45 2.48 9.84
CA GLU A 235 19.82 3.55 9.07
C GLU A 235 20.56 4.88 9.26
N LYS A 236 21.02 5.16 10.49
CA LYS A 236 21.75 6.38 10.86
C LYS A 236 23.19 6.38 10.31
N ASN A 237 23.98 5.34 10.66
CA ASN A 237 25.38 5.18 10.23
C ASN A 237 25.56 5.13 8.71
N MET A 238 24.53 4.67 7.98
CA MET A 238 24.58 4.66 6.53
C MET A 238 24.04 5.96 5.95
N LYS A 239 23.14 6.66 6.69
CA LYS A 239 22.63 7.98 6.29
C LYS A 239 23.80 8.95 6.35
N ASP A 240 24.62 8.86 7.44
CA ASP A 240 25.81 9.66 7.66
C ASP A 240 26.85 9.38 6.58
N ALA A 241 27.09 8.09 6.24
CA ALA A 241 28.03 7.70 5.18
C ALA A 241 27.60 8.26 3.81
N LYS A 242 26.28 8.26 3.53
CA LYS A 242 25.65 8.78 2.31
C LYS A 242 25.68 10.32 2.27
N ASP A 243 25.56 10.97 3.45
CA ASP A 243 25.61 12.43 3.57
C ASP A 243 27.03 12.97 3.36
N LYS A 244 28.06 12.23 3.80
CA LYS A 244 29.48 12.57 3.66
C LYS A 244 29.90 12.52 2.17
N LEU A 245 29.26 11.63 1.41
CA LEU A 245 29.45 11.47 -0.03
C LEU A 245 28.70 12.63 -0.76
N GLU A 246 27.55 13.09 -0.18
CA GLU A 246 26.73 14.23 -0.64
C GLU A 246 27.50 15.54 -0.48
N SER A 247 28.37 15.61 0.56
CA SER A 247 29.24 16.75 0.84
C SER A 247 30.25 16.87 -0.30
N GLU A 248 30.87 15.73 -0.71
CA GLU A 248 31.82 15.65 -1.83
C GLU A 248 31.13 15.99 -3.15
N MET A 249 29.87 15.50 -3.35
CA MET A 249 29.00 15.76 -4.51
C MET A 249 28.77 17.28 -4.64
N GLU A 250 28.34 17.94 -3.53
CA GLU A 250 28.08 19.39 -3.43
C GLU A 250 29.36 20.23 -3.55
N ASP A 251 30.49 19.69 -3.13
CA ASP A 251 31.77 20.32 -3.20
C ASP A 251 32.20 20.39 -4.65
N ALA A 252 32.15 19.24 -5.30
CA ALA A 252 32.52 19.08 -6.70
C ALA A 252 31.89 20.11 -7.65
N TYR A 253 30.61 20.48 -7.40
CA TYR A 253 29.82 21.42 -8.21
C TYR A 253 30.55 22.73 -8.50
N ASP B 7 -33.54 1.00 -5.84
CA ASP B 7 -33.32 1.77 -7.06
C ASP B 7 -31.99 1.36 -7.73
N ILE B 8 -30.85 1.69 -7.10
CA ILE B 8 -29.51 1.35 -7.55
C ILE B 8 -28.97 0.20 -6.73
N LYS B 9 -28.29 -0.79 -7.34
CA LYS B 9 -27.67 -1.93 -6.66
C LYS B 9 -26.68 -1.43 -5.61
N SER B 10 -26.53 -2.20 -4.53
CA SER B 10 -25.65 -1.89 -3.42
C SER B 10 -24.20 -2.31 -3.66
N PHE B 11 -23.97 -3.40 -4.42
CA PHE B 11 -22.65 -3.98 -4.70
C PHE B 11 -21.87 -4.29 -3.41
N LEU B 12 -22.58 -4.69 -2.33
CA LEU B 12 -21.91 -5.03 -1.08
C LEU B 12 -21.25 -6.41 -1.15
N LYS B 13 -19.94 -6.45 -0.84
CA LYS B 13 -19.08 -7.65 -0.82
C LYS B 13 -19.54 -8.57 0.30
N PRO B 14 -19.29 -9.91 0.24
CA PRO B 14 -19.74 -10.80 1.36
C PRO B 14 -19.12 -10.38 2.70
N GLY B 15 -19.99 -10.12 3.69
CA GLY B 15 -19.59 -9.69 5.03
C GLY B 15 -19.37 -8.19 5.20
N GLU B 16 -19.44 -7.44 4.08
CA GLU B 16 -19.21 -5.99 4.08
C GLU B 16 -20.31 -5.18 4.76
N LYS B 17 -19.88 -4.32 5.68
CA LYS B 17 -20.71 -3.38 6.44
C LYS B 17 -21.01 -2.18 5.52
N THR B 18 -22.06 -1.41 5.83
CA THR B 18 -22.50 -0.29 5.02
C THR B 18 -22.01 1.06 5.52
N TYR B 19 -21.87 2.03 4.57
CA TYR B 19 -21.46 3.42 4.81
C TYR B 19 -20.29 3.52 5.81
N THR B 20 -19.22 2.75 5.55
CA THR B 20 -18.03 2.73 6.39
C THR B 20 -17.13 3.92 6.01
N GLN B 21 -16.01 4.11 6.75
CA GLN B 21 -15.06 5.17 6.43
C GLN B 21 -14.42 4.89 5.08
N ARG B 22 -14.38 3.59 4.66
CA ARG B 22 -13.87 3.19 3.35
C ARG B 22 -14.81 3.61 2.20
N CYS B 23 -16.05 4.05 2.53
CA CYS B 23 -17.09 4.53 1.59
C CYS B 23 -17.19 6.06 1.60
N ARG B 24 -16.32 6.72 2.37
CA ARG B 24 -16.36 8.17 2.51
C ARG B 24 -15.48 8.89 1.50
N LEU B 25 -16.08 9.85 0.79
CA LEU B 25 -15.37 10.65 -0.19
C LEU B 25 -15.25 12.09 0.21
N PHE B 26 -14.07 12.66 -0.04
CA PHE B 26 -13.75 14.06 0.10
C PHE B 26 -14.00 14.62 -1.32
N VAL B 27 -14.72 15.74 -1.40
CA VAL B 27 -14.98 16.42 -2.67
C VAL B 27 -14.46 17.88 -2.53
N GLY B 28 -13.45 18.22 -3.29
CA GLY B 28 -12.88 19.57 -3.26
C GLY B 28 -13.10 20.37 -4.51
N ASN B 29 -12.80 21.68 -4.43
CA ASN B 29 -12.92 22.65 -5.55
C ASN B 29 -14.36 22.78 -6.06
N LEU B 30 -15.30 22.82 -5.13
CA LEU B 30 -16.72 22.95 -5.42
C LEU B 30 -17.05 24.42 -5.79
N PRO B 31 -18.18 24.71 -6.49
CA PRO B 31 -18.52 26.12 -6.76
C PRO B 31 -18.93 26.78 -5.44
N THR B 32 -18.59 28.07 -5.23
CA THR B 32 -18.93 28.76 -3.98
C THR B 32 -20.46 28.87 -3.76
N ASP B 33 -21.24 28.84 -4.87
CA ASP B 33 -22.70 28.92 -4.90
C ASP B 33 -23.40 27.56 -4.69
N ILE B 34 -22.63 26.48 -4.41
CA ILE B 34 -23.19 25.14 -4.22
C ILE B 34 -24.04 25.09 -2.95
N THR B 35 -25.16 24.37 -3.06
CA THR B 35 -26.15 24.11 -2.01
C THR B 35 -26.05 22.63 -1.65
N GLU B 36 -26.68 22.22 -0.52
CA GLU B 36 -26.76 20.82 -0.06
C GLU B 36 -27.55 19.95 -1.07
N GLU B 37 -28.50 20.57 -1.81
CA GLU B 37 -29.31 19.89 -2.83
C GLU B 37 -28.49 19.65 -4.13
N ASP B 38 -27.65 20.64 -4.52
CA ASP B 38 -26.80 20.57 -5.71
C ASP B 38 -25.65 19.57 -5.51
N PHE B 39 -25.22 19.35 -4.25
CA PHE B 39 -24.15 18.41 -3.89
C PHE B 39 -24.68 16.97 -3.88
N LYS B 40 -25.92 16.77 -3.36
CA LYS B 40 -26.61 15.47 -3.34
C LYS B 40 -26.88 14.99 -4.74
N ARG B 41 -27.19 15.94 -5.68
CA ARG B 41 -27.47 15.65 -7.08
C ARG B 41 -26.29 15.08 -7.82
N LEU B 42 -25.07 15.58 -7.52
CA LEU B 42 -23.85 15.10 -8.16
C LEU B 42 -23.63 13.60 -7.92
N PHE B 43 -24.15 13.09 -6.79
CA PHE B 43 -23.96 11.70 -6.37
C PHE B 43 -25.22 10.83 -6.29
N GLU B 44 -26.42 11.35 -6.67
CA GLU B 44 -27.70 10.61 -6.59
C GLU B 44 -27.73 9.30 -7.41
N ARG B 45 -26.98 9.23 -8.54
CA ARG B 45 -26.83 8.04 -9.38
C ARG B 45 -26.12 6.88 -8.62
N TYR B 46 -25.58 7.17 -7.43
CA TYR B 46 -24.86 6.18 -6.63
C TYR B 46 -25.68 5.74 -5.42
N GLY B 47 -26.95 6.12 -5.43
CA GLY B 47 -27.91 5.73 -4.39
C GLY B 47 -27.87 6.65 -3.20
N GLU B 48 -28.68 6.31 -2.17
CA GLU B 48 -28.79 7.07 -0.94
C GLU B 48 -27.47 7.33 -0.21
N PRO B 49 -27.17 8.61 0.09
CA PRO B 49 -25.97 8.92 0.87
C PRO B 49 -26.32 8.87 2.36
N SER B 50 -25.35 9.02 3.28
CA SER B 50 -25.70 9.04 4.71
C SER B 50 -25.21 10.28 5.47
N GLU B 51 -23.89 10.56 5.45
CA GLU B 51 -23.22 11.63 6.20
C GLU B 51 -22.87 12.85 5.28
N VAL B 52 -23.90 13.54 4.73
CA VAL B 52 -23.67 14.65 3.80
C VAL B 52 -23.17 15.92 4.52
N PHE B 53 -21.93 16.34 4.22
CA PHE B 53 -21.31 17.54 4.76
C PHE B 53 -20.84 18.43 3.64
N ILE B 54 -21.10 19.72 3.77
CA ILE B 54 -20.66 20.70 2.81
C ILE B 54 -20.22 21.98 3.55
N ASN B 55 -19.05 22.53 3.19
CA ASN B 55 -18.56 23.81 3.68
C ASN B 55 -18.55 24.67 2.41
N ARG B 56 -19.71 25.31 2.15
CA ARG B 56 -20.01 26.16 0.99
C ARG B 56 -19.01 27.28 0.86
N ASP B 57 -18.65 27.89 2.00
CA ASP B 57 -17.67 28.97 2.09
C ASP B 57 -16.25 28.52 1.66
N ARG B 58 -15.78 27.35 2.15
CA ARG B 58 -14.43 26.85 1.86
C ARG B 58 -14.32 26.05 0.55
N GLY B 59 -15.45 25.52 0.06
CA GLY B 59 -15.51 24.76 -1.19
C GLY B 59 -15.23 23.27 -1.13
N PHE B 60 -15.52 22.64 0.01
CA PHE B 60 -15.29 21.20 0.12
C PHE B 60 -16.43 20.54 0.85
N GLY B 61 -16.58 19.24 0.62
CA GLY B 61 -17.59 18.43 1.26
C GLY B 61 -17.18 16.99 1.48
N PHE B 62 -18.00 16.25 2.23
CA PHE B 62 -17.77 14.83 2.50
C PHE B 62 -19.07 14.10 2.23
N ILE B 63 -18.99 12.90 1.67
CA ILE B 63 -20.18 12.09 1.36
C ILE B 63 -19.86 10.63 1.56
N ARG B 64 -20.75 9.92 2.26
CA ARG B 64 -20.64 8.48 2.47
C ARG B 64 -21.64 7.78 1.57
N LEU B 65 -21.16 6.79 0.82
CA LEU B 65 -21.97 5.95 -0.05
C LEU B 65 -22.11 4.58 0.60
N GLU B 66 -23.13 3.81 0.22
CA GLU B 66 -23.42 2.51 0.86
C GLU B 66 -22.26 1.54 0.95
N SER B 67 -21.51 1.43 -0.14
CA SER B 67 -20.44 0.46 -0.24
C SER B 67 -19.16 1.07 -0.82
N ARG B 68 -18.02 0.34 -0.68
CA ARG B 68 -16.72 0.69 -1.23
C ARG B 68 -16.78 0.74 -2.77
N THR B 69 -17.49 -0.22 -3.41
CA THR B 69 -17.68 -0.26 -4.87
C THR B 69 -18.40 0.97 -5.37
N LEU B 70 -19.47 1.40 -4.69
CA LEU B 70 -20.19 2.60 -5.09
C LEU B 70 -19.31 3.85 -4.96
N ALA B 71 -18.49 3.92 -3.89
CA ALA B 71 -17.53 5.01 -3.66
C ALA B 71 -16.43 5.02 -4.76
N GLU B 72 -15.95 3.81 -5.18
CA GLU B 72 -14.94 3.63 -6.23
C GLU B 72 -15.51 4.04 -7.59
N ILE B 73 -16.76 3.67 -7.87
CA ILE B 73 -17.42 4.04 -9.12
C ILE B 73 -17.60 5.55 -9.19
N ALA B 74 -18.15 6.16 -8.13
CA ALA B 74 -18.35 7.61 -8.05
C ALA B 74 -17.01 8.36 -8.24
N LYS B 75 -15.93 7.94 -7.57
CA LYS B 75 -14.62 8.56 -7.71
C LYS B 75 -14.08 8.39 -9.15
N ALA B 76 -14.09 7.16 -9.73
CA ALA B 76 -13.61 6.92 -11.10
C ALA B 76 -14.40 7.74 -12.14
N GLU B 77 -15.73 7.87 -11.97
CA GLU B 77 -16.56 8.64 -12.91
C GLU B 77 -16.49 10.15 -12.70
N LEU B 78 -16.58 10.63 -11.44
CA LEU B 78 -16.66 12.06 -11.18
C LEU B 78 -15.35 12.78 -10.93
N ASP B 79 -14.23 12.07 -10.68
CA ASP B 79 -12.98 12.77 -10.45
C ASP B 79 -12.48 13.55 -11.68
N GLY B 80 -12.07 14.81 -11.43
CA GLY B 80 -11.55 15.73 -12.43
C GLY B 80 -12.58 16.30 -13.39
N THR B 81 -13.89 16.09 -13.13
CA THR B 81 -14.93 16.59 -14.03
C THR B 81 -15.31 18.01 -13.69
N ILE B 82 -15.42 18.84 -14.73
CA ILE B 82 -15.74 20.26 -14.66
C ILE B 82 -17.17 20.50 -14.18
N LEU B 83 -17.29 21.40 -13.20
CA LEU B 83 -18.51 21.90 -12.59
C LEU B 83 -18.21 23.38 -12.37
N LYS B 84 -18.54 24.19 -13.41
CA LYS B 84 -18.34 25.63 -13.49
C LYS B 84 -16.89 26.17 -13.54
N SER B 85 -16.17 25.84 -14.63
CA SER B 85 -14.80 26.25 -14.99
C SER B 85 -13.70 25.64 -14.07
N ARG B 86 -14.05 24.63 -13.24
CA ARG B 86 -13.09 24.01 -12.32
C ARG B 86 -13.28 22.51 -12.18
N PRO B 87 -12.18 21.71 -12.24
CA PRO B 87 -12.33 20.26 -12.05
C PRO B 87 -12.48 19.88 -10.56
N LEU B 88 -13.44 18.96 -10.25
CA LEU B 88 -13.61 18.50 -8.86
C LEU B 88 -12.46 17.59 -8.50
N ARG B 89 -12.07 17.59 -7.22
CA ARG B 89 -11.01 16.73 -6.69
C ARG B 89 -11.76 15.74 -5.78
N ILE B 90 -11.89 14.48 -6.21
CA ILE B 90 -12.60 13.46 -5.42
C ILE B 90 -11.60 12.41 -4.97
N ARG B 91 -11.49 12.22 -3.64
CA ARG B 91 -10.53 11.32 -3.02
C ARG B 91 -11.21 10.56 -1.92
N PHE B 92 -10.66 9.43 -1.52
CA PHE B 92 -11.19 8.77 -0.35
C PHE B 92 -10.78 9.60 0.82
N ALA B 93 -11.69 9.81 1.76
CA ALA B 93 -11.38 10.54 2.96
C ALA B 93 -10.30 9.76 3.70
N THR B 94 -9.29 10.48 4.18
CA THR B 94 -8.19 9.96 4.98
C THR B 94 -8.83 9.21 6.19
N HIS B 95 -8.51 7.89 6.34
CA HIS B 95 -9.03 7.03 7.41
C HIS B 95 -8.42 7.40 8.76
N GLY B 96 -9.17 8.18 9.53
CA GLY B 96 -8.76 8.67 10.85
C GLY B 96 -8.45 7.62 11.90
N ALA B 97 -9.20 6.48 11.89
CA ALA B 97 -9.08 5.40 12.88
C ALA B 97 -8.46 4.09 12.38
N ALA B 98 -7.31 4.18 11.68
CA ALA B 98 -6.61 3.02 11.12
C ALA B 98 -5.26 2.76 11.80
N LEU B 99 -5.04 1.49 12.21
CA LEU B 99 -3.80 1.06 12.87
C LEU B 99 -3.20 -0.14 12.15
N THR B 100 -1.91 -0.42 12.38
CA THR B 100 -1.23 -1.59 11.84
C THR B 100 -0.76 -2.47 12.98
N VAL B 101 -0.85 -3.79 12.81
CA VAL B 101 -0.48 -4.78 13.81
C VAL B 101 0.72 -5.63 13.33
N LYS B 102 1.78 -5.72 14.13
CA LYS B 102 2.97 -6.51 13.81
C LYS B 102 3.17 -7.63 14.84
N ASN B 103 4.16 -8.53 14.61
CA ASN B 103 4.50 -9.68 15.49
C ASN B 103 3.32 -10.68 15.60
N LEU B 104 2.54 -10.82 14.51
CA LEU B 104 1.40 -11.71 14.45
C LEU B 104 1.79 -13.16 14.24
N SER B 105 1.08 -14.07 14.92
CA SER B 105 1.23 -15.51 14.80
C SER B 105 0.57 -15.93 13.48
N PRO B 106 1.14 -16.92 12.72
CA PRO B 106 0.49 -17.35 11.46
C PRO B 106 -0.86 -18.06 11.66
N VAL B 107 -1.29 -18.18 12.93
CA VAL B 107 -2.56 -18.79 13.38
C VAL B 107 -3.67 -17.71 13.42
N VAL B 108 -3.28 -16.42 13.56
CA VAL B 108 -4.22 -15.31 13.64
C VAL B 108 -4.91 -15.07 12.30
N SER B 109 -6.23 -15.25 12.29
CA SER B 109 -7.08 -15.04 11.12
C SER B 109 -7.54 -13.57 11.07
N ASN B 110 -8.24 -13.19 9.97
CA ASN B 110 -8.83 -11.86 9.77
C ASN B 110 -9.88 -11.62 10.86
N GLU B 111 -10.68 -12.67 11.13
CA GLU B 111 -11.77 -12.74 12.09
C GLU B 111 -11.24 -12.67 13.53
N LEU B 112 -10.13 -13.38 13.84
CA LEU B 112 -9.53 -13.33 15.18
C LEU B 112 -9.00 -11.95 15.47
N LEU B 113 -8.35 -11.31 14.46
CA LEU B 113 -7.82 -9.95 14.57
C LEU B 113 -8.96 -8.94 14.78
N GLU B 114 -10.14 -9.20 14.17
CA GLU B 114 -11.33 -8.36 14.28
C GLU B 114 -11.94 -8.50 15.67
N GLN B 115 -12.16 -9.75 16.14
CA GLN B 115 -12.76 -9.96 17.47
C GLN B 115 -11.80 -9.56 18.61
N ALA B 116 -10.47 -9.72 18.42
CA ALA B 116 -9.44 -9.33 19.40
C ALA B 116 -9.44 -7.84 19.65
N PHE B 117 -9.39 -7.02 18.58
CA PHE B 117 -9.40 -5.56 18.71
C PHE B 117 -10.83 -5.04 18.93
N SER B 118 -11.87 -5.90 18.72
CA SER B 118 -13.28 -5.54 18.96
C SER B 118 -13.60 -5.31 20.43
N GLN B 119 -12.60 -5.48 21.33
CA GLN B 119 -12.73 -5.24 22.77
C GLN B 119 -12.50 -3.75 23.07
N PHE B 120 -11.74 -3.05 22.20
CA PHE B 120 -11.50 -1.62 22.38
C PHE B 120 -12.67 -0.78 21.80
N GLY B 121 -13.44 -1.38 20.89
CA GLY B 121 -14.59 -0.73 20.28
C GLY B 121 -15.04 -1.34 18.96
N PRO B 122 -15.94 -0.65 18.22
CA PRO B 122 -16.43 -1.21 16.94
C PRO B 122 -15.39 -1.17 15.83
N VAL B 123 -15.19 -2.33 15.17
CA VAL B 123 -14.21 -2.54 14.09
C VAL B 123 -14.90 -2.62 12.74
N GLU B 124 -14.55 -1.71 11.83
CA GLU B 124 -15.05 -1.69 10.46
C GLU B 124 -14.44 -2.86 9.68
N LYS B 125 -13.09 -2.95 9.66
CA LYS B 125 -12.37 -3.99 8.95
C LYS B 125 -11.04 -4.35 9.58
N ALA B 126 -10.73 -5.65 9.58
CA ALA B 126 -9.47 -6.18 10.05
C ALA B 126 -8.96 -7.19 9.05
N VAL B 127 -7.71 -6.99 8.58
CA VAL B 127 -7.11 -7.88 7.60
C VAL B 127 -5.70 -8.27 8.06
N VAL B 128 -5.36 -9.56 7.90
CA VAL B 128 -4.05 -10.14 8.16
C VAL B 128 -3.35 -10.23 6.77
N VAL B 129 -2.39 -9.32 6.51
CA VAL B 129 -1.63 -9.19 5.26
C VAL B 129 -0.92 -10.49 4.87
N VAL B 130 -1.11 -10.91 3.60
CA VAL B 130 -0.46 -12.08 3.00
C VAL B 130 0.32 -11.64 1.73
N ASP B 131 1.40 -12.32 1.38
CA ASP B 131 2.17 -11.93 0.18
C ASP B 131 1.68 -12.49 -1.17
N ASP B 132 2.59 -12.61 -2.12
CA ASP B 132 2.21 -13.14 -3.42
C ASP B 132 1.74 -14.60 -3.40
N ARG B 133 2.42 -15.43 -2.63
CA ARG B 133 2.10 -16.87 -2.49
C ARG B 133 0.92 -17.14 -1.55
N GLY B 134 0.57 -16.14 -0.73
CA GLY B 134 -0.50 -16.24 0.26
C GLY B 134 -0.01 -16.76 1.60
N ARG B 135 1.20 -16.33 2.00
CA ARG B 135 1.87 -16.71 3.25
C ARG B 135 1.70 -15.58 4.30
N ALA B 136 1.51 -15.96 5.58
CA ALA B 136 1.35 -15.01 6.69
C ALA B 136 2.62 -14.15 6.91
N THR B 137 2.57 -12.88 6.46
CA THR B 137 3.69 -11.91 6.57
C THR B 137 4.08 -11.58 8.01
N GLY B 138 3.10 -11.56 8.91
CA GLY B 138 3.26 -11.21 10.31
C GLY B 138 2.69 -9.83 10.59
N LYS B 139 2.34 -9.11 9.51
CA LYS B 139 1.76 -7.76 9.54
C LYS B 139 0.28 -7.84 9.22
N GLY B 140 -0.50 -6.96 9.85
CA GLY B 140 -1.94 -6.87 9.67
C GLY B 140 -2.40 -5.44 9.91
N PHE B 141 -3.71 -5.18 9.77
CA PHE B 141 -4.25 -3.85 10.01
C PHE B 141 -5.68 -3.85 10.52
N VAL B 142 -5.97 -2.93 11.44
CA VAL B 142 -7.28 -2.77 12.08
C VAL B 142 -7.83 -1.35 11.80
N GLU B 143 -9.06 -1.29 11.28
CA GLU B 143 -9.73 -0.05 10.95
C GLU B 143 -10.99 0.11 11.81
N PHE B 144 -10.97 1.06 12.75
CA PHE B 144 -12.09 1.31 13.66
C PHE B 144 -13.15 2.25 13.05
N ALA B 145 -14.43 2.11 13.49
CA ALA B 145 -15.55 2.95 13.00
C ALA B 145 -15.40 4.41 13.43
N ALA B 146 -14.76 4.65 14.58
CA ALA B 146 -14.47 5.97 15.17
C ALA B 146 -13.05 5.97 15.74
N LYS B 147 -12.50 7.14 15.94
CA LYS B 147 -11.16 7.30 16.45
C LYS B 147 -10.93 6.95 17.91
N PRO B 148 -11.85 7.27 18.79
CA PRO B 148 -11.54 6.92 20.17
C PRO B 148 -11.04 5.49 20.44
N PRO B 149 -11.80 4.45 20.04
CA PRO B 149 -11.31 3.08 20.29
C PRO B 149 -9.89 2.81 19.79
N ALA B 150 -9.52 3.43 18.65
CA ALA B 150 -8.19 3.34 18.04
C ALA B 150 -7.08 3.86 18.96
N ARG B 151 -7.35 4.91 19.75
CA ARG B 151 -6.32 5.45 20.64
C ARG B 151 -6.12 4.60 21.91
N LYS B 152 -7.20 3.93 22.36
CA LYS B 152 -7.21 3.03 23.51
C LYS B 152 -6.38 1.80 23.17
N ALA B 153 -6.59 1.25 21.94
CA ALA B 153 -5.86 0.10 21.38
C ALA B 153 -4.35 0.40 21.32
N LEU B 154 -3.98 1.56 20.77
CA LEU B 154 -2.61 2.05 20.61
C LEU B 154 -1.87 2.20 21.97
N GLU B 155 -2.54 2.80 22.98
CA GLU B 155 -2.00 3.03 24.33
C GLU B 155 -1.83 1.75 25.15
N ARG B 156 -2.87 0.91 25.22
CA ARG B 156 -2.88 -0.33 26.01
C ARG B 156 -1.89 -1.37 25.48
N CYS B 157 -1.92 -1.65 24.16
CA CYS B 157 -1.03 -2.60 23.49
C CYS B 157 0.43 -2.23 23.59
N GLY B 158 0.73 -0.97 23.89
CA GLY B 158 2.10 -0.47 24.07
C GLY B 158 2.61 -0.56 25.50
N ASP B 159 1.72 -0.33 26.49
CA ASP B 159 2.04 -0.39 27.94
C ASP B 159 1.92 -1.79 28.52
N GLY B 160 0.96 -2.54 28.01
CA GLY B 160 0.71 -3.92 28.36
C GLY B 160 1.10 -4.82 27.22
N ALA B 161 1.05 -6.14 27.42
CA ALA B 161 1.41 -7.11 26.39
C ALA B 161 0.15 -7.76 25.91
N PHE B 162 -0.20 -7.54 24.64
CA PHE B 162 -1.42 -8.07 24.05
C PHE B 162 -1.16 -9.31 23.25
N LEU B 163 -1.62 -10.44 23.81
CA LEU B 163 -1.42 -11.81 23.31
C LEU B 163 -2.66 -12.31 22.65
N LEU B 164 -2.59 -12.52 21.34
CA LEU B 164 -3.74 -12.97 20.55
C LEU B 164 -3.94 -14.48 20.58
N THR B 165 -2.85 -15.24 20.81
CA THR B 165 -2.80 -16.71 20.82
C THR B 165 -2.11 -17.26 22.09
N THR B 166 -1.86 -18.60 22.14
CA THR B 166 -1.26 -19.33 23.27
C THR B 166 0.19 -18.87 23.54
N THR B 167 0.96 -18.62 22.47
CA THR B 167 2.35 -18.13 22.54
C THR B 167 2.38 -16.71 23.18
N PRO B 168 3.20 -16.48 24.25
CA PRO B 168 3.26 -15.15 24.88
C PRO B 168 4.06 -14.12 24.08
N ARG B 169 3.77 -13.99 22.78
CA ARG B 169 4.42 -13.04 21.90
C ARG B 169 3.47 -11.86 21.71
N PRO B 170 3.80 -10.69 22.29
CA PRO B 170 2.89 -9.54 22.16
C PRO B 170 2.94 -8.85 20.79
N VAL B 171 1.76 -8.47 20.28
CA VAL B 171 1.66 -7.75 19.02
C VAL B 171 2.18 -6.31 19.14
N ILE B 172 2.61 -5.69 18.01
CA ILE B 172 3.07 -4.30 18.01
C ILE B 172 1.99 -3.45 17.31
N VAL B 173 1.47 -2.44 18.00
CA VAL B 173 0.41 -1.61 17.46
C VAL B 173 0.88 -0.18 17.22
N GLU B 174 0.91 0.20 15.94
CA GLU B 174 1.37 1.51 15.47
C GLU B 174 0.29 2.15 14.59
N PRO B 175 0.20 3.50 14.49
CA PRO B 175 -0.78 4.12 13.57
C PRO B 175 -0.45 3.78 12.11
N MET B 176 -1.49 3.57 11.26
CA MET B 176 -1.27 3.25 9.85
C MET B 176 -0.71 4.49 9.13
N GLU B 177 0.51 4.37 8.56
CA GLU B 177 1.17 5.46 7.84
C GLU B 177 0.32 5.89 6.64
N GLN B 178 0.03 7.20 6.56
CA GLN B 178 -0.82 7.77 5.51
C GLN B 178 0.01 8.51 4.45
N PHE B 179 -0.05 8.01 3.21
CA PHE B 179 0.71 8.55 2.09
C PHE B 179 -0.18 8.88 0.90
N ASP B 180 0.28 9.79 0.06
CA ASP B 180 -0.46 10.12 -1.15
C ASP B 180 0.27 9.65 -2.41
N ASP B 181 -0.32 8.68 -3.08
CA ASP B 181 0.19 8.19 -4.33
C ASP B 181 -0.78 8.50 -5.42
N GLU B 182 -1.57 9.51 -5.21
CA GLU B 182 -2.55 9.92 -6.22
C GLU B 182 -2.22 11.26 -6.87
N ASP B 183 -2.04 12.30 -6.06
CA ASP B 183 -1.71 13.64 -6.56
C ASP B 183 -0.22 13.88 -6.74
N GLY B 184 0.55 13.41 -5.76
CA GLY B 184 1.98 13.51 -5.70
C GLY B 184 2.51 14.91 -5.65
N LEU B 185 3.63 15.11 -6.35
CA LEU B 185 4.35 16.36 -6.46
C LEU B 185 4.19 16.93 -7.89
N PRO B 186 3.08 17.62 -8.26
CA PRO B 186 3.01 18.18 -9.63
C PRO B 186 4.00 19.32 -9.88
N GLU B 187 4.51 19.37 -11.12
CA GLU B 187 5.46 20.36 -11.62
C GLU B 187 4.97 21.83 -11.44
N LYS B 188 3.67 22.10 -11.70
CA LYS B 188 3.09 23.46 -11.64
C LYS B 188 3.18 24.10 -10.26
N LEU B 189 3.20 23.28 -9.18
CA LEU B 189 3.29 23.75 -7.80
C LEU B 189 4.73 23.76 -7.23
N MET B 190 5.77 23.49 -8.10
CA MET B 190 7.19 23.56 -7.69
C MET B 190 7.67 24.98 -8.02
N GLN B 191 8.14 25.74 -7.02
CA GLN B 191 8.62 27.10 -7.26
C GLN B 191 9.91 27.03 -8.06
N LYS B 192 10.06 27.88 -9.08
CA LYS B 192 11.28 27.88 -9.89
C LYS B 192 12.37 28.76 -9.26
N THR B 193 12.95 28.23 -8.16
CA THR B 193 14.02 28.84 -7.35
C THR B 193 15.36 28.56 -7.99
N GLN B 194 16.45 29.19 -7.52
CA GLN B 194 17.77 28.89 -8.10
C GLN B 194 18.23 27.49 -7.77
N GLN B 195 17.85 27.00 -6.60
CA GLN B 195 18.17 25.68 -6.11
CA GLN B 195 18.12 25.67 -6.06
C GLN B 195 17.41 24.63 -6.95
N TYR B 196 16.19 24.97 -7.39
CA TYR B 196 15.39 24.15 -8.27
C TYR B 196 16.13 24.12 -9.63
N HIS B 197 16.55 25.30 -10.12
CA HIS B 197 17.24 25.42 -11.40
C HIS B 197 18.58 24.73 -11.47
N LYS B 198 19.34 24.74 -10.36
CA LYS B 198 20.64 24.08 -10.27
C LYS B 198 20.44 22.55 -10.35
N GLU B 199 19.41 22.02 -9.67
CA GLU B 199 19.07 20.60 -9.68
C GLU B 199 18.42 20.10 -10.96
N ARG B 200 17.69 20.96 -11.64
CA ARG B 200 16.96 20.60 -12.86
C ARG B 200 17.70 20.89 -14.15
N GLU B 201 18.92 21.50 -14.04
CA GLU B 201 19.76 21.88 -15.17
C GLU B 201 20.25 20.67 -16.00
N GLN B 202 20.63 19.56 -15.32
CA GLN B 202 21.06 18.40 -16.04
C GLN B 202 19.89 17.46 -16.12
N PRO B 203 19.64 17.00 -17.37
CA PRO B 203 18.45 16.17 -17.63
C PRO B 203 18.58 14.72 -17.18
N PRO B 204 17.47 13.92 -17.16
CA PRO B 204 17.62 12.48 -16.82
C PRO B 204 18.60 11.80 -17.76
N ARG B 205 19.51 10.98 -17.23
CA ARG B 205 20.56 10.40 -18.05
C ARG B 205 21.23 9.20 -17.39
N PHE B 206 21.91 8.39 -18.23
CA PHE B 206 22.74 7.31 -17.74
C PHE B 206 24.14 7.91 -17.59
N ALA B 207 24.72 7.93 -16.36
CA ALA B 207 26.07 8.47 -16.14
C ALA B 207 27.09 7.81 -17.10
N GLN B 208 28.01 8.62 -17.64
CA GLN B 208 29.01 8.12 -18.60
C GLN B 208 30.23 7.59 -17.87
N PRO B 209 30.64 6.33 -18.10
CA PRO B 209 31.84 5.82 -17.40
C PRO B 209 33.06 6.68 -17.72
N GLY B 210 33.78 7.11 -16.69
CA GLY B 210 34.93 7.98 -16.84
C GLY B 210 34.71 9.40 -16.35
N THR B 211 33.45 9.79 -16.10
CA THR B 211 33.12 11.11 -15.58
C THR B 211 33.11 11.09 -14.04
N PHE B 212 33.20 12.27 -13.39
CA PHE B 212 33.11 12.42 -11.94
C PHE B 212 31.74 11.92 -11.47
N GLU B 213 30.71 12.18 -12.30
CA GLU B 213 29.31 11.77 -12.08
C GLU B 213 29.19 10.27 -11.91
N PHE B 214 29.81 9.49 -12.81
CA PHE B 214 29.76 8.01 -12.79
C PHE B 214 30.45 7.45 -11.56
N GLU B 215 31.53 8.11 -11.13
CA GLU B 215 32.29 7.72 -9.95
C GLU B 215 31.46 7.99 -8.70
N TYR B 216 30.88 9.21 -8.58
CA TYR B 216 30.04 9.62 -7.44
C TYR B 216 28.81 8.73 -7.31
N ALA B 217 28.22 8.41 -8.46
CA ALA B 217 27.02 7.57 -8.55
C ALA B 217 27.28 6.11 -8.22
N SER B 218 28.37 5.53 -8.76
CA SER B 218 28.75 4.13 -8.50
C SER B 218 29.13 3.93 -7.01
N ARG B 219 29.71 4.97 -6.39
CA ARG B 219 30.05 4.95 -4.97
C ARG B 219 28.83 5.01 -4.08
N TRP B 220 27.75 5.63 -4.59
CA TRP B 220 26.47 5.74 -3.92
C TRP B 220 25.77 4.37 -3.93
N LYS B 221 25.79 3.67 -5.08
CA LYS B 221 25.24 2.34 -5.26
C LYS B 221 25.95 1.31 -4.37
N ALA B 222 27.29 1.42 -4.23
CA ALA B 222 28.06 0.52 -3.38
C ALA B 222 27.66 0.72 -1.90
N LEU B 223 27.46 1.98 -1.45
CA LEU B 223 26.98 2.28 -0.09
C LEU B 223 25.54 1.77 0.16
N ASP B 224 24.65 1.90 -0.85
CA ASP B 224 23.29 1.41 -0.74
C ASP B 224 23.27 -0.12 -0.65
N GLU B 225 24.18 -0.79 -1.41
CA GLU B 225 24.38 -2.24 -1.34
C GLU B 225 24.91 -2.61 0.05
N MET B 226 25.82 -1.80 0.61
CA MET B 226 26.37 -2.02 1.95
C MET B 226 25.28 -1.94 3.02
N GLU B 227 24.36 -0.97 2.92
CA GLU B 227 23.21 -0.76 3.83
C GLU B 227 22.27 -1.97 3.87
N LYS B 228 21.93 -2.51 2.68
CA LYS B 228 21.13 -3.71 2.49
C LYS B 228 21.81 -4.92 3.24
N GLN B 229 23.14 -5.14 3.02
CA GLN B 229 23.95 -6.18 3.70
C GLN B 229 23.89 -6.02 5.24
N GLN B 230 23.97 -4.76 5.72
CA GLN B 230 23.91 -4.46 7.16
C GLN B 230 22.50 -4.75 7.70
N ARG B 231 21.44 -4.36 6.95
CA ARG B 231 20.06 -4.64 7.32
C ARG B 231 19.83 -6.14 7.44
N GLU B 232 20.35 -6.95 6.47
CA GLU B 232 20.25 -8.42 6.50
C GLU B 232 21.02 -9.00 7.69
N GLN B 233 22.11 -8.32 8.11
CA GLN B 233 22.96 -8.71 9.25
C GLN B 233 22.23 -8.49 10.58
N VAL B 234 21.40 -7.43 10.69
CA VAL B 234 20.60 -7.17 11.89
C VAL B 234 19.49 -8.25 12.04
N ASP B 235 18.90 -8.68 10.94
CA ASP B 235 17.91 -9.72 10.94
C ASP B 235 18.55 -11.01 11.43
N ARG B 236 19.78 -11.26 11.00
CA ARG B 236 20.58 -12.41 11.38
C ARG B 236 20.74 -12.44 12.92
N ASN B 237 21.01 -11.27 13.52
CA ASN B 237 21.18 -11.09 14.96
C ASN B 237 19.86 -11.20 15.71
N ILE B 238 18.75 -10.81 15.08
CA ILE B 238 17.41 -10.88 15.70
C ILE B 238 16.92 -12.34 15.73
N ARG B 239 17.06 -13.07 14.62
CA ARG B 239 16.74 -14.51 14.55
C ARG B 239 17.50 -15.33 15.61
N GLU B 240 18.77 -14.96 15.88
CA GLU B 240 19.61 -15.62 16.89
C GLU B 240 19.06 -15.37 18.28
N ALA B 241 18.76 -14.09 18.58
CA ALA B 241 18.25 -13.65 19.87
C ALA B 241 16.87 -14.28 20.13
N LYS B 242 16.03 -14.37 19.08
CA LYS B 242 14.68 -14.94 19.09
C LYS B 242 14.72 -16.44 19.43
N GLU B 243 15.61 -17.20 18.75
CA GLU B 243 15.77 -18.63 18.95
C GLU B 243 16.24 -19.02 20.34
N LYS B 244 17.15 -18.20 20.95
CA LYS B 244 17.67 -18.44 22.29
C LYS B 244 16.58 -18.22 23.35
N LEU B 245 15.68 -17.24 23.09
CA LEU B 245 14.57 -16.92 23.98
C LEU B 245 13.56 -18.04 23.96
N GLU B 246 13.21 -18.55 22.76
CA GLU B 246 12.27 -19.64 22.57
C GLU B 246 12.76 -20.91 23.23
N ALA B 247 14.06 -21.20 23.07
CA ALA B 247 14.69 -22.36 23.68
C ALA B 247 14.72 -22.23 25.23
N GLU B 248 14.94 -21.01 25.75
CA GLU B 248 14.99 -20.77 27.19
C GLU B 248 13.61 -20.95 27.82
N MET B 249 12.60 -20.36 27.20
CA MET B 249 11.26 -20.41 27.75
C MET B 249 10.58 -21.79 27.56
N GLU B 250 11.03 -22.59 26.56
CA GLU B 250 10.55 -23.97 26.33
C GLU B 250 11.14 -24.85 27.44
N ALA B 251 12.43 -24.65 27.74
CA ALA B 251 13.16 -25.38 28.79
C ALA B 251 12.51 -25.10 30.16
N ALA B 252 12.13 -23.85 30.43
CA ALA B 252 11.50 -23.45 31.69
C ALA B 252 10.10 -24.06 31.84
N ARG B 253 9.31 -24.06 30.74
CA ARG B 253 7.96 -24.60 30.70
C ARG B 253 7.99 -26.15 30.87
N HIS B 254 9.03 -26.79 30.36
CA HIS B 254 9.20 -28.22 30.44
C HIS B 254 9.61 -28.68 31.82
N GLU B 255 10.46 -27.91 32.47
CA GLU B 255 10.92 -28.18 33.81
C GLU B 255 9.76 -28.02 34.79
N HIS B 256 8.88 -27.09 34.52
CA HIS B 256 7.72 -26.86 35.34
C HIS B 256 6.67 -27.96 35.18
N GLN B 257 6.52 -28.47 33.98
CA GLN B 257 5.60 -29.59 33.70
C GLN B 257 6.09 -30.86 34.39
N LEU B 258 7.41 -31.02 34.54
CA LEU B 258 8.04 -32.17 35.20
C LEU B 258 7.96 -32.04 36.72
N MET B 259 7.54 -30.89 37.19
CA MET B 259 7.49 -30.56 38.61
C MET B 259 6.11 -30.58 39.21
N LEU B 260 5.09 -30.54 38.34
CA LEU B 260 3.70 -30.55 38.77
C LEU B 260 3.29 -31.94 39.24
N MET B 261 2.58 -32.01 40.38
CA MET B 261 2.09 -33.28 40.91
C MET B 261 0.94 -33.87 40.07
#